data_8U31
#
_entry.id   8U31
#
_cell.length_a   44.069
_cell.length_b   104.069
_cell.length_c   143.430
_cell.angle_alpha   90.000
_cell.angle_beta   90.000
_cell.angle_gamma   90.000
#
_symmetry.space_group_name_H-M   'P 21 21 21'
#
loop_
_entity.id
_entity.type
_entity.pdbx_description
1 polymer 'Programmed cell death protein 1'
2 polymer 'Fab light chain'
3 polymer 'Fab heavy chain'
4 non-polymer GLYCEROL
5 water water
#
loop_
_entity_poly.entity_id
_entity_poly.type
_entity_poly.pdbx_seq_one_letter_code
_entity_poly.pdbx_strand_id
1 'polypeptide(L)'
;HHHHHHGENLYFQGSLDSPDRPWNPPTFSPALLVVTEGDNATFTCSFSNTSESFVLNWYRMSPSNQTDKLAAFPEDRSQP
GQDSRFRVTQLPNGRDFHMSVVRARRNDSGTYLCGAISLAPKAQIKESLRAELRVTEGNS
;
A
2 'polypeptide(L)'
;AAQLTQSPSSLSASVGDRVTITCQSSQSVYNNNDLAWYQQKPGKPPKLLIYTPSSLTSGVPSRFSGSGSGTDFTLTISSL
QPEDFATYYCLGGYDDDSDNAFGGGTKVEIKRTVAAPSVFIFPPSDEQLKSGTASVVCLLNNFYPREAKVQWKVDNALQS
GNSQESVTEQDSKDSTYSLSSTLTLSKADYEKHKVYACEVTHQGLSSPVTKSFNRGEC
;
B
3 'polypeptide(L)'
;EQQLVESGGGVVQPGRSLRLSCAASGFSFSSTYWICWVRQAPGKGLEWIACIYAGSSGNTYYANWAKGRFTISKDSSSTT
VFLQMNSLRAEDTAVYFCARAGGAGGGVYTLTRLDLWGQGTLVTVSSASTKGPSVFPLAPSSKSTSGGTAALGCLVKDYF
PEPVTVSWNSGALTSGVHTFPAVLQSSGLYSLSSVVTVPSSSLGTQTYICNVNHKPSNTKVDKKVEPKS
;
C
#
loop_
_chem_comp.id
_chem_comp.type
_chem_comp.name
_chem_comp.formula
GOL non-polymer GLYCEROL 'C3 H8 O3'
#
# COMPACT_ATOMS: atom_id res chain seq x y z
N ARG A 21 -21.39 4.99 27.35
CA ARG A 21 -21.50 4.83 25.90
C ARG A 21 -20.32 5.49 25.20
N PRO A 22 -19.37 4.67 24.74
CA PRO A 22 -18.18 5.23 24.06
C PRO A 22 -18.55 5.88 22.74
N TRP A 23 -17.88 7.00 22.45
CA TRP A 23 -18.01 7.81 21.24
C TRP A 23 -19.30 8.62 21.19
N ASN A 24 -20.15 8.54 22.22
CA ASN A 24 -21.44 9.21 22.29
C ASN A 24 -22.30 8.82 21.08
N PRO A 25 -22.68 7.55 20.92
CA PRO A 25 -23.43 7.15 19.74
CA PRO A 25 -23.43 7.15 19.74
C PRO A 25 -24.92 7.37 19.93
N PRO A 26 -25.71 7.31 18.86
CA PRO A 26 -27.16 7.41 19.02
C PRO A 26 -27.73 6.17 19.68
N THR A 27 -28.94 6.32 20.21
CA THR A 27 -29.65 5.22 20.83
C THR A 27 -30.88 4.87 20.01
N PHE A 28 -31.49 3.74 20.36
CA PHE A 28 -32.59 3.17 19.59
C PHE A 28 -33.50 2.42 20.57
N SER A 29 -34.59 3.04 20.97
CA SER A 29 -35.46 2.42 21.95
C SER A 29 -36.87 2.24 21.40
N PRO A 30 -37.62 1.25 21.89
CA PRO A 30 -37.24 0.26 22.92
C PRO A 30 -36.36 -0.85 22.35
N ALA A 31 -35.69 -1.62 23.21
CA ALA A 31 -34.86 -2.72 22.74
C ALA A 31 -35.71 -3.83 22.11
N LEU A 32 -36.91 -4.06 22.63
CA LEU A 32 -37.84 -5.04 22.08
C LEU A 32 -39.21 -4.39 21.93
N LEU A 33 -39.55 -4.00 20.71
CA LEU A 33 -40.87 -3.46 20.44
C LEU A 33 -41.78 -4.58 19.95
N VAL A 34 -42.91 -4.77 20.64
CA VAL A 34 -43.89 -5.79 20.28
C VAL A 34 -45.17 -5.10 19.86
N VAL A 35 -45.64 -5.41 18.64
CA VAL A 35 -46.85 -4.82 18.09
C VAL A 35 -47.66 -5.92 17.41
N THR A 36 -48.98 -5.82 17.51
CA THR A 36 -49.86 -6.68 16.75
C THR A 36 -49.77 -6.32 15.26
N GLU A 37 -50.39 -7.14 14.42
CA GLU A 37 -50.42 -6.87 12.99
C GLU A 37 -51.48 -5.81 12.68
N GLY A 38 -51.11 -4.87 11.82
CA GLY A 38 -52.05 -3.84 11.41
C GLY A 38 -51.74 -2.46 11.97
N ASP A 39 -51.51 -2.35 13.28
CA ASP A 39 -51.19 -1.06 13.86
C ASP A 39 -49.70 -0.74 13.67
N ASN A 40 -49.34 0.50 14.00
CA ASN A 40 -48.03 1.03 13.66
C ASN A 40 -47.00 0.73 14.75
N ALA A 41 -45.72 0.74 14.35
CA ALA A 41 -44.59 0.45 15.24
C ALA A 41 -43.61 1.60 15.17
N THR A 42 -43.35 2.25 16.30
CA THR A 42 -42.56 3.47 16.35
C THR A 42 -41.34 3.30 17.25
N PHE A 43 -40.17 3.09 16.63
CA PHE A 43 -38.92 3.23 17.35
C PHE A 43 -38.57 4.71 17.48
N THR A 44 -37.60 5.00 18.33
CA THR A 44 -37.16 6.38 18.53
C THR A 44 -35.63 6.42 18.62
N CYS A 45 -35.01 7.10 17.66
CA CYS A 45 -33.57 7.25 17.57
C CYS A 45 -33.18 8.60 18.16
N SER A 46 -32.24 8.58 19.11
CA SER A 46 -31.84 9.77 19.86
C SER A 46 -30.40 10.11 19.49
N PHE A 47 -30.20 11.26 18.84
CA PHE A 47 -28.86 11.70 18.46
C PHE A 47 -28.72 13.20 18.75
N SER A 48 -27.90 13.53 19.73
CA SER A 48 -27.59 14.92 20.04
C SER A 48 -26.47 15.38 19.10
N ASN A 49 -26.81 16.31 18.20
CA ASN A 49 -25.90 16.78 17.16
C ASN A 49 -24.96 17.85 17.72
N THR A 50 -23.77 17.42 18.12
CA THR A 50 -22.67 18.36 18.33
C THR A 50 -22.34 19.13 17.05
N SER A 51 -22.33 18.43 15.92
CA SER A 51 -21.81 18.99 14.68
C SER A 51 -22.77 19.96 14.04
N GLU A 52 -24.09 19.66 14.07
CA GLU A 52 -25.14 20.36 13.34
C GLU A 52 -25.07 20.12 11.83
N SER A 53 -24.21 19.19 11.37
CA SER A 53 -24.09 18.82 9.95
C SER A 53 -24.17 17.30 9.87
N PHE A 54 -25.38 16.75 9.95
CA PHE A 54 -25.55 15.31 10.14
C PHE A 54 -26.71 14.79 9.29
N VAL A 55 -26.70 13.47 9.10
CA VAL A 55 -27.76 12.74 8.41
C VAL A 55 -27.99 11.44 9.16
N LEU A 56 -29.24 11.14 9.47
CA LEU A 56 -29.60 9.89 10.11
C LEU A 56 -30.01 8.85 9.07
N ASN A 57 -29.76 7.58 9.38
CA ASN A 57 -30.21 6.45 8.59
C ASN A 57 -30.94 5.47 9.49
N TRP A 58 -31.89 4.75 8.91
CA TRP A 58 -32.70 3.78 9.63
C TRP A 58 -32.57 2.44 8.90
N TYR A 59 -32.04 1.43 9.58
CA TYR A 59 -31.65 0.19 8.95
C TYR A 59 -32.54 -0.94 9.42
N ARG A 60 -32.78 -1.85 8.50
CA ARG A 60 -33.22 -3.19 8.86
C ARG A 60 -32.13 -4.16 8.60
N MET A 61 -32.13 -5.19 9.42
CA MET A 61 -30.89 -5.89 9.75
C MET A 61 -31.20 -7.38 9.58
N SER A 62 -30.96 -7.93 8.37
CA SER A 62 -31.45 -9.30 8.12
C SER A 62 -30.66 -10.32 8.92
N PRO A 63 -31.20 -11.51 9.20
CA PRO A 63 -30.40 -12.56 9.85
C PRO A 63 -29.17 -12.94 9.04
N SER A 64 -29.18 -12.74 7.72
CA SER A 64 -27.96 -12.76 6.93
C SER A 64 -26.91 -11.77 7.42
N ASN A 65 -27.30 -10.85 8.31
CA ASN A 65 -26.44 -9.83 8.91
C ASN A 65 -26.19 -8.76 7.83
N GLN A 66 -27.13 -8.58 6.90
CA GLN A 66 -27.04 -7.53 5.88
C GLN A 66 -27.94 -6.38 6.27
N THR A 67 -27.49 -5.15 5.97
CA THR A 67 -28.06 -3.93 6.53
C THR A 67 -28.73 -3.14 5.42
N ASP A 68 -30.06 -3.06 5.43
CA ASP A 68 -30.84 -2.37 4.42
C ASP A 68 -31.49 -1.11 4.99
N LYS A 69 -31.38 -0.01 4.24
CA LYS A 69 -31.84 1.29 4.71
C LYS A 69 -33.32 1.49 4.37
N LEU A 70 -34.05 2.15 5.29
CA LEU A 70 -35.49 2.31 5.14
C LEU A 70 -35.96 3.75 5.08
N ALA A 71 -35.25 4.69 5.69
CA ALA A 71 -35.58 6.12 5.61
C ALA A 71 -34.41 6.90 6.19
N ALA A 72 -34.61 8.20 6.40
CA ALA A 72 -33.55 9.08 6.86
C ALA A 72 -34.15 10.34 7.47
N PHE A 73 -33.36 11.02 8.31
CA PHE A 73 -33.82 12.33 8.81
C PHE A 73 -33.98 13.34 7.70
N PRO A 74 -32.98 13.63 6.82
CA PRO A 74 -33.34 14.32 5.57
C PRO A 74 -34.13 13.38 4.67
N GLU A 75 -35.47 13.44 4.69
CA GLU A 75 -36.27 12.57 3.85
C GLU A 75 -36.20 12.97 2.37
N SER A 84 -44.28 5.72 1.14
CA SER A 84 -43.49 4.73 1.84
C SER A 84 -44.00 4.48 3.26
N ARG A 85 -44.00 3.21 3.66
CA ARG A 85 -44.51 2.83 4.99
C ARG A 85 -43.56 3.20 6.12
N PHE A 86 -42.36 3.71 5.81
CA PHE A 86 -41.32 3.96 6.81
C PHE A 86 -41.04 5.44 6.87
N ARG A 87 -41.29 6.03 8.04
CA ARG A 87 -41.17 7.48 8.24
C ARG A 87 -40.14 7.77 9.32
N VAL A 88 -39.34 8.80 9.08
CA VAL A 88 -38.43 9.37 10.08
C VAL A 88 -38.82 10.83 10.29
N THR A 89 -39.38 11.12 11.46
CA THR A 89 -39.89 12.44 11.78
C THR A 89 -39.16 12.99 13.00
N GLN A 90 -38.61 14.20 12.86
CA GLN A 90 -37.87 14.83 13.94
C GLN A 90 -38.82 15.38 14.99
N LEU A 91 -38.54 15.08 16.25
CA LEU A 91 -39.33 15.53 17.38
C LEU A 91 -38.85 16.91 17.83
N PRO A 92 -39.60 17.58 18.72
CA PRO A 92 -39.26 18.98 19.03
C PRO A 92 -37.88 19.18 19.64
N ASN A 93 -37.42 18.29 20.52
CA ASN A 93 -36.15 18.51 21.19
C ASN A 93 -34.98 18.58 20.21
N GLY A 94 -35.16 18.05 19.00
CA GLY A 94 -34.08 17.99 18.04
C GLY A 94 -33.08 16.90 18.30
N ARG A 95 -33.03 16.36 19.51
CA ARG A 95 -32.16 15.24 19.81
C ARG A 95 -32.84 13.90 19.59
N ASP A 96 -34.17 13.84 19.72
CA ASP A 96 -34.93 12.61 19.54
C ASP A 96 -35.63 12.62 18.18
N PHE A 97 -35.75 11.44 17.59
CA PHE A 97 -36.42 11.26 16.30
C PHE A 97 -37.36 10.07 16.42
N HIS A 98 -38.52 10.15 15.78
CA HIS A 98 -39.41 9.00 15.70
C HIS A 98 -39.18 8.25 14.39
N MET A 99 -39.31 6.92 14.46
CA MET A 99 -39.10 6.07 13.29
C MET A 99 -40.27 5.09 13.27
N SER A 100 -41.28 5.41 12.49
CA SER A 100 -42.57 4.74 12.51
C SER A 100 -42.73 3.85 11.29
N VAL A 101 -43.29 2.65 11.52
CA VAL A 101 -43.73 1.76 10.45
C VAL A 101 -45.25 1.73 10.50
N VAL A 102 -45.88 2.30 9.50
CA VAL A 102 -47.34 2.27 9.41
C VAL A 102 -47.79 0.99 8.71
N ARG A 103 -48.90 0.44 9.19
CA ARG A 103 -49.48 -0.82 8.70
C ARG A 103 -48.46 -1.95 8.74
N ALA A 104 -47.96 -2.19 9.96
CA ALA A 104 -46.95 -3.21 10.18
C ALA A 104 -47.49 -4.59 9.84
N ARG A 105 -46.58 -5.51 9.54
CA ARG A 105 -46.92 -6.83 9.06
C ARG A 105 -46.10 -7.86 9.80
N ARG A 106 -46.52 -9.13 9.71
CA ARG A 106 -45.82 -10.21 10.41
C ARG A 106 -44.40 -10.39 9.87
N ASN A 107 -44.21 -10.19 8.57
CA ASN A 107 -42.91 -10.25 7.93
C ASN A 107 -42.08 -8.97 8.11
N ASP A 108 -42.52 -8.06 8.99
CA ASP A 108 -41.70 -6.93 9.42
C ASP A 108 -41.00 -7.18 10.76
N SER A 109 -41.35 -8.26 11.44
CA SER A 109 -40.71 -8.60 12.71
C SER A 109 -39.23 -8.90 12.47
N GLY A 110 -38.37 -8.16 13.15
CA GLY A 110 -36.94 -8.34 12.97
C GLY A 110 -36.14 -7.39 13.83
N THR A 111 -34.87 -7.23 13.48
CA THR A 111 -33.93 -6.39 14.22
C THR A 111 -33.59 -5.14 13.42
N TYR A 112 -33.56 -4.00 14.10
CA TYR A 112 -33.35 -2.70 13.48
C TYR A 112 -32.31 -1.91 14.26
N LEU A 113 -31.88 -0.79 13.68
CA LEU A 113 -30.91 0.11 14.28
C LEU A 113 -30.88 1.39 13.45
N CYS A 114 -30.28 2.44 14.03
CA CYS A 114 -30.11 3.71 13.35
C CYS A 114 -28.66 4.14 13.45
N GLY A 115 -28.21 4.89 12.46
CA GLY A 115 -26.84 5.39 12.43
C GLY A 115 -26.76 6.84 12.06
N ALA A 116 -25.85 7.56 12.72
CA ALA A 116 -25.65 8.99 12.51
C ALA A 116 -24.42 9.22 11.65
N ILE A 117 -24.57 10.00 10.59
CA ILE A 117 -23.50 10.28 9.64
C ILE A 117 -23.19 11.77 9.76
N SER A 118 -22.15 12.11 10.51
CA SER A 118 -21.69 13.49 10.60
C SER A 118 -20.69 13.76 9.49
N LEU A 119 -20.73 14.98 8.95
CA LEU A 119 -19.88 15.34 7.82
C LEU A 119 -18.82 16.36 8.18
N ALA A 120 -19.11 17.24 9.14
CA ALA A 120 -18.23 18.29 9.60
C ALA A 120 -18.57 18.54 11.06
N PRO A 121 -17.59 18.85 11.92
CA PRO A 121 -16.16 19.06 11.62
C PRO A 121 -15.39 17.76 11.46
N LYS A 122 -15.96 16.62 11.84
CA LYS A 122 -15.28 15.33 11.79
C LYS A 122 -16.17 14.36 11.03
N ALA A 123 -15.63 13.75 9.97
CA ALA A 123 -16.37 12.78 9.17
C ALA A 123 -16.46 11.47 9.93
N GLN A 124 -17.68 11.03 10.23
CA GLN A 124 -17.84 9.82 11.03
C GLN A 124 -19.24 9.25 10.84
N ILE A 125 -19.37 7.98 11.22
CA ILE A 125 -20.64 7.28 11.32
C ILE A 125 -20.69 6.61 12.69
N LYS A 126 -21.76 6.88 13.45
CA LYS A 126 -21.95 6.27 14.77
C LYS A 126 -23.31 5.59 14.76
N GLU A 127 -23.34 4.29 15.03
CA GLU A 127 -24.54 3.48 14.88
CA GLU A 127 -24.54 3.49 14.88
C GLU A 127 -24.94 2.86 16.21
N SER A 128 -26.25 2.84 16.47
CA SER A 128 -26.79 2.37 17.73
C SER A 128 -26.71 0.85 17.83
N LEU A 129 -27.07 0.34 19.01
CA LEU A 129 -27.19 -1.09 19.17
C LEU A 129 -28.51 -1.57 18.60
N ARG A 130 -28.52 -2.81 18.14
CA ARG A 130 -29.68 -3.35 17.45
C ARG A 130 -30.84 -3.57 18.41
N ALA A 131 -32.04 -3.21 17.97
CA ALA A 131 -33.27 -3.47 18.70
C ALA A 131 -34.19 -4.35 17.87
N GLU A 132 -35.03 -5.13 18.54
CA GLU A 132 -35.85 -6.14 17.88
C GLU A 132 -37.30 -5.68 17.76
N LEU A 133 -37.95 -6.11 16.68
CA LEU A 133 -39.37 -5.89 16.44
C LEU A 133 -40.07 -7.22 16.28
N ARG A 134 -41.30 -7.30 16.79
CA ARG A 134 -42.10 -8.53 16.67
C ARG A 134 -43.50 -8.25 16.14
N ALA B 1 -1.23 19.22 13.11
CA ALA B 1 0.17 18.96 12.78
C ALA B 1 0.66 17.73 13.52
N ALA B 2 0.03 16.59 13.26
CA ALA B 2 0.33 15.37 13.99
C ALA B 2 1.31 14.49 13.23
N GLN B 3 2.15 13.78 14.00
CA GLN B 3 3.11 12.83 13.45
C GLN B 3 2.92 11.51 14.18
N LEU B 4 2.93 10.41 13.42
CA LEU B 4 2.74 9.08 13.96
C LEU B 4 4.03 8.31 13.78
N THR B 5 4.61 7.87 14.90
CA THR B 5 5.91 7.21 14.91
C THR B 5 5.75 5.73 15.22
N GLN B 6 6.26 4.88 14.34
CA GLN B 6 6.07 3.44 14.40
C GLN B 6 7.37 2.78 14.81
N SER B 7 7.32 1.96 15.86
CA SER B 7 8.49 1.29 16.41
C SER B 7 8.24 -0.21 16.50
N PRO B 8 9.21 -1.03 16.09
CA PRO B 8 10.49 -0.66 15.50
C PRO B 8 10.36 -0.45 14.00
N SER B 9 11.44 0.01 13.35
CA SER B 9 11.40 0.17 11.89
C SER B 9 11.17 -1.18 11.21
N SER B 10 11.86 -2.21 11.68
CA SER B 10 11.67 -3.57 11.17
C SER B 10 12.06 -4.55 12.27
N LEU B 11 11.54 -5.77 12.16
CA LEU B 11 11.82 -6.81 13.12
C LEU B 11 11.85 -8.15 12.40
N SER B 12 12.77 -9.01 12.81
CA SER B 12 12.86 -10.37 12.30
C SER B 12 12.30 -11.32 13.34
N ALA B 13 11.33 -12.14 12.93
CA ALA B 13 10.68 -13.06 13.84
C ALA B 13 10.54 -14.43 13.18
N SER B 14 10.23 -15.43 13.99
CA SER B 14 10.01 -16.78 13.50
C SER B 14 8.53 -17.14 13.58
N VAL B 15 8.13 -18.11 12.75
CA VAL B 15 6.75 -18.57 12.73
C VAL B 15 6.36 -19.05 14.12
N GLY B 16 5.20 -18.61 14.58
CA GLY B 16 4.71 -18.95 15.90
C GLY B 16 5.08 -17.98 17.00
N ASP B 17 5.92 -16.99 16.72
CA ASP B 17 6.31 -16.03 17.73
C ASP B 17 5.17 -15.07 18.04
N ARG B 18 5.35 -14.32 19.12
CA ARG B 18 4.45 -13.25 19.52
C ARG B 18 5.17 -11.94 19.24
N VAL B 19 4.64 -11.15 18.30
CA VAL B 19 5.28 -9.90 17.92
C VAL B 19 4.43 -8.76 18.46
N THR B 20 5.07 -7.61 18.66
CA THR B 20 4.36 -6.42 19.13
C THR B 20 4.91 -5.21 18.37
N ILE B 21 4.07 -4.60 17.55
CA ILE B 21 4.40 -3.35 16.88
C ILE B 21 3.66 -2.23 17.60
N THR B 22 4.34 -1.10 17.80
CA THR B 22 3.71 0.02 18.46
C THR B 22 3.68 1.24 17.55
N CYS B 23 2.74 2.12 17.85
CA CYS B 23 2.50 3.34 17.08
C CYS B 23 2.21 4.43 18.10
N GLN B 24 2.96 5.52 18.04
CA GLN B 24 2.81 6.62 18.99
C GLN B 24 2.51 7.91 18.25
N SER B 25 1.45 8.58 18.66
CA SER B 25 1.00 9.82 18.02
C SER B 25 1.42 11.01 18.85
N SER B 26 1.91 12.05 18.17
CA SER B 26 2.30 13.29 18.86
C SER B 26 1.12 13.90 19.61
N GLN B 27 -0.07 13.88 19.01
CA GLN B 27 -1.29 14.32 19.69
C GLN B 27 -2.30 13.17 19.73
N SER B 28 -3.17 13.19 20.73
CA SER B 28 -4.13 12.10 20.91
C SER B 28 -5.07 12.00 19.70
N VAL B 29 -5.37 10.77 19.30
CA VAL B 29 -6.26 10.55 18.17
C VAL B 29 -7.70 10.82 18.58
N TYR B 30 -8.58 10.96 17.59
CA TYR B 30 -9.95 11.37 17.84
C TYR B 30 -10.66 10.35 18.73
N ASN B 31 -11.28 10.86 19.81
CA ASN B 31 -11.94 10.04 20.82
C ASN B 31 -11.02 8.94 21.36
N ASN B 32 -9.71 9.18 21.28
CA ASN B 32 -8.67 8.39 21.92
C ASN B 32 -8.49 6.99 21.32
N ASN B 33 -9.19 6.66 20.24
CA ASN B 33 -8.97 5.36 19.61
C ASN B 33 -9.15 5.37 18.10
N ASP B 34 -9.26 6.54 17.46
CA ASP B 34 -9.41 6.62 16.01
C ASP B 34 -8.08 6.27 15.34
N LEU B 35 -7.75 4.99 15.42
CA LEU B 35 -6.52 4.51 14.82
C LEU B 35 -6.76 3.13 14.25
N ALA B 36 -6.21 2.89 13.07
CA ALA B 36 -6.37 1.64 12.36
C ALA B 36 -5.01 1.10 11.95
N TRP B 37 -4.88 -0.22 11.92
CA TRP B 37 -3.68 -0.90 11.50
C TRP B 37 -3.93 -1.56 10.16
N TYR B 38 -2.98 -1.39 9.23
CA TYR B 38 -3.09 -1.91 7.88
C TYR B 38 -1.91 -2.84 7.60
N GLN B 39 -2.16 -3.85 6.77
CA GLN B 39 -1.13 -4.77 6.33
C GLN B 39 -0.91 -4.60 4.84
N GLN B 40 0.34 -4.52 4.42
CA GLN B 40 0.64 -4.50 2.99
C GLN B 40 1.80 -5.45 2.69
N LYS B 41 1.68 -6.15 1.56
CA LYS B 41 2.59 -7.09 0.91
C LYS B 41 3.03 -6.54 -0.43
N PRO B 42 4.26 -6.84 -0.85
CA PRO B 42 4.85 -6.14 -2.00
C PRO B 42 4.02 -6.32 -3.27
N GLY B 43 3.75 -5.21 -3.98
CA GLY B 43 2.99 -5.20 -5.21
C GLY B 43 1.51 -5.12 -5.00
N LYS B 44 1.07 -5.03 -3.74
CA LYS B 44 -0.33 -5.31 -3.39
C LYS B 44 -0.93 -4.07 -2.73
N PRO B 45 -2.23 -3.78 -2.94
CA PRO B 45 -2.85 -2.76 -2.13
C PRO B 45 -2.89 -3.09 -0.67
N PRO B 46 -2.93 -2.16 0.25
CA PRO B 46 -2.96 -2.47 1.68
C PRO B 46 -4.29 -3.10 2.07
N LYS B 47 -4.28 -3.81 3.22
CA LYS B 47 -5.51 -4.34 3.80
C LYS B 47 -5.64 -4.06 5.28
N LEU B 48 -6.82 -3.52 5.62
CA LEU B 48 -7.22 -3.16 6.98
C LEU B 48 -7.33 -4.37 7.90
N LEU B 49 -6.47 -4.42 8.90
CA LEU B 49 -6.50 -5.56 9.82
C LEU B 49 -7.31 -5.26 11.07
N ILE B 50 -7.03 -4.14 11.72
CA ILE B 50 -7.69 -3.74 12.96
C ILE B 50 -8.17 -2.31 12.85
N TYR B 51 -9.43 -2.10 13.22
CA TYR B 51 -10.00 -0.79 13.47
C TYR B 51 -10.21 -0.71 14.97
N THR B 52 -9.42 0.12 15.66
CA THR B 52 -9.51 0.17 17.12
C THR B 52 -10.91 0.54 17.62
N PRO B 53 -11.66 1.45 16.99
CA PRO B 53 -12.98 1.79 17.54
C PRO B 53 -14.03 0.67 17.49
N SER B 54 -14.00 -0.23 16.51
CA SER B 54 -15.01 -1.30 16.45
C SER B 54 -14.39 -2.60 15.95
N SER B 55 -14.97 -3.71 16.41
CA SER B 55 -14.55 -5.04 15.97
C SER B 55 -15.02 -5.28 14.53
N LEU B 56 -14.20 -6.01 13.77
CA LEU B 56 -14.39 -6.15 12.33
C LEU B 56 -14.97 -7.52 11.97
N THR B 57 -15.77 -7.54 10.90
CA THR B 57 -16.37 -8.73 10.35
C THR B 57 -15.70 -9.14 9.04
N SER B 58 -14.57 -8.51 8.70
CA SER B 58 -13.90 -8.73 7.42
C SER B 58 -13.42 -10.16 7.25
N GLY B 59 -13.24 -10.90 8.33
CA GLY B 59 -12.53 -12.15 8.29
C GLY B 59 -11.08 -12.03 8.69
N VAL B 60 -10.70 -10.95 9.37
CA VAL B 60 -9.34 -10.82 9.89
C VAL B 60 -9.09 -11.92 10.92
N PRO B 61 -7.97 -12.64 10.84
CA PRO B 61 -7.72 -13.71 11.81
C PRO B 61 -7.64 -13.19 13.24
N SER B 62 -8.10 -14.03 14.17
CA SER B 62 -8.27 -13.59 15.55
C SER B 62 -6.94 -13.29 16.24
N ARG B 63 -5.86 -13.93 15.78
CA ARG B 63 -4.54 -13.71 16.36
C ARG B 63 -4.09 -12.26 16.30
N PHE B 64 -4.60 -11.50 15.33
CA PHE B 64 -4.33 -10.07 15.28
C PHE B 64 -5.19 -9.34 16.30
N SER B 65 -4.58 -8.44 17.06
CA SER B 65 -5.29 -7.71 18.09
C SER B 65 -4.73 -6.29 18.19
N GLY B 66 -5.61 -5.33 18.40
CA GLY B 66 -5.23 -3.96 18.63
C GLY B 66 -5.51 -3.55 20.06
N SER B 67 -4.70 -2.62 20.56
CA SER B 67 -4.81 -2.17 21.95
C SER B 67 -4.34 -0.73 22.04
N GLY B 68 -4.68 -0.09 23.15
CA GLY B 68 -4.17 1.23 23.44
C GLY B 68 -5.23 2.31 23.30
N SER B 69 -4.93 3.45 23.93
CA SER B 69 -5.81 4.61 23.96
C SER B 69 -4.95 5.87 23.96
N GLY B 70 -5.54 6.96 23.48
CA GLY B 70 -4.86 8.25 23.48
C GLY B 70 -3.81 8.43 22.40
N THR B 71 -2.53 8.28 22.78
CA THR B 71 -1.42 8.44 21.86
C THR B 71 -0.58 7.19 21.61
N ASP B 72 -0.68 6.17 22.45
CA ASP B 72 0.13 4.96 22.31
C ASP B 72 -0.75 3.77 21.97
N PHE B 73 -0.51 3.16 20.81
CA PHE B 73 -1.27 2.02 20.34
C PHE B 73 -0.31 0.89 20.01
N THR B 74 -0.82 -0.35 20.12
CA THR B 74 -0.02 -1.54 19.94
C THR B 74 -0.76 -2.54 19.07
N LEU B 75 -0.07 -3.12 18.10
CA LEU B 75 -0.57 -4.24 17.33
C LEU B 75 0.13 -5.51 17.79
N THR B 76 -0.64 -6.53 18.10
CA THR B 76 -0.10 -7.78 18.63
C THR B 76 -0.55 -8.93 17.75
N ILE B 77 0.39 -9.81 17.41
CA ILE B 77 0.10 -11.03 16.68
C ILE B 77 0.49 -12.19 17.59
N SER B 78 -0.51 -12.95 18.06
CA SER B 78 -0.28 -13.95 19.09
C SER B 78 0.60 -15.08 18.58
N SER B 79 0.25 -15.66 17.42
CA SER B 79 1.02 -16.74 16.81
C SER B 79 1.31 -16.34 15.38
N LEU B 80 2.54 -15.89 15.14
CA LEU B 80 2.91 -15.43 13.81
C LEU B 80 2.88 -16.59 12.82
N GLN B 81 2.02 -16.48 11.80
CA GLN B 81 1.98 -17.52 10.78
C GLN B 81 2.73 -17.08 9.53
N PRO B 82 3.12 -18.02 8.67
CA PRO B 82 3.93 -17.66 7.50
C PRO B 82 3.30 -16.58 6.63
N GLU B 83 1.97 -16.54 6.58
CA GLU B 83 1.20 -15.58 5.81
C GLU B 83 1.18 -14.18 6.41
N ASP B 84 1.91 -13.92 7.50
CA ASP B 84 1.90 -12.63 8.18
C ASP B 84 3.11 -11.77 7.87
N PHE B 85 4.16 -12.33 7.27
CA PHE B 85 5.37 -11.56 7.02
C PHE B 85 5.07 -10.49 5.97
N ALA B 86 5.06 -9.24 6.40
CA ALA B 86 4.61 -8.13 5.57
C ALA B 86 5.03 -6.84 6.28
N THR B 87 4.52 -5.72 5.77
CA THR B 87 4.71 -4.43 6.40
C THR B 87 3.37 -3.97 6.98
N TYR B 88 3.41 -3.42 8.19
CA TYR B 88 2.22 -3.00 8.91
C TYR B 88 2.24 -1.50 9.12
N TYR B 89 1.12 -0.84 8.80
CA TYR B 89 1.00 0.61 8.90
C TYR B 89 -0.13 0.98 9.84
N CYS B 90 0.10 1.96 10.70
CA CYS B 90 -0.97 2.53 11.51
C CYS B 90 -1.48 3.82 10.89
N LEU B 91 -2.79 4.03 10.97
CA LEU B 91 -3.42 5.24 10.44
C LEU B 91 -4.20 5.89 11.56
N GLY B 92 -3.87 7.13 11.88
CA GLY B 92 -4.51 7.87 12.95
C GLY B 92 -5.38 8.99 12.41
N GLY B 93 -6.52 9.20 13.05
CA GLY B 93 -7.40 10.31 12.73
C GLY B 93 -7.53 11.24 13.92
N TYR B 94 -7.83 12.51 13.66
CA TYR B 94 -7.88 13.52 14.71
C TYR B 94 -9.18 14.31 14.59
N ASP B 95 -9.33 15.34 15.44
CA ASP B 95 -10.53 16.16 15.39
C ASP B 95 -10.70 16.82 14.04
N ASP B 96 -9.59 17.16 13.39
CA ASP B 96 -9.57 17.69 12.03
C ASP B 96 -8.99 16.61 11.14
N ASP B 97 -9.82 16.07 10.24
CA ASP B 97 -9.35 15.03 9.32
C ASP B 97 -8.17 15.48 8.47
N SER B 98 -7.85 16.79 8.46
CA SER B 98 -6.65 17.26 7.77
C SER B 98 -5.39 16.73 8.41
N ASP B 99 -5.44 16.44 9.72
CA ASP B 99 -4.28 15.93 10.44
C ASP B 99 -4.07 14.42 10.27
N ASN B 100 -5.02 13.72 9.64
CA ASN B 100 -4.89 12.27 9.49
C ASN B 100 -3.64 11.93 8.67
N ALA B 101 -2.94 10.89 9.11
CA ALA B 101 -1.70 10.49 8.45
C ALA B 101 -1.38 9.06 8.82
N PHE B 102 -0.54 8.43 7.99
CA PHE B 102 -0.06 7.09 8.25
C PHE B 102 1.22 7.11 9.07
N GLY B 103 1.53 5.99 9.70
CA GLY B 103 2.80 5.79 10.34
C GLY B 103 3.86 5.43 9.32
N GLY B 104 5.09 5.26 9.81
CA GLY B 104 6.20 4.95 8.94
C GLY B 104 6.20 3.52 8.42
N GLY B 105 5.52 2.60 9.10
CA GLY B 105 5.52 1.22 8.68
C GLY B 105 6.53 0.36 9.42
N THR B 106 6.13 -0.87 9.74
CA THR B 106 7.01 -1.84 10.38
C THR B 106 7.07 -3.06 9.48
N LYS B 107 8.26 -3.35 8.98
CA LYS B 107 8.46 -4.47 8.06
C LYS B 107 8.81 -5.70 8.88
N VAL B 108 7.92 -6.68 8.92
CA VAL B 108 8.10 -7.89 9.71
C VAL B 108 8.67 -8.97 8.80
N GLU B 109 9.92 -9.37 9.07
CA GLU B 109 10.63 -10.31 8.21
C GLU B 109 10.89 -11.62 8.95
N ILE B 110 11.29 -12.62 8.18
CA ILE B 110 11.47 -13.97 8.71
C ILE B 110 12.86 -14.09 9.29
N LYS B 111 12.97 -14.67 10.48
CA LYS B 111 14.27 -14.91 11.10
C LYS B 111 14.78 -16.29 10.69
N ARG B 112 16.02 -16.33 10.20
CA ARG B 112 16.65 -17.59 9.82
C ARG B 112 18.10 -17.58 10.30
N THR B 113 18.83 -18.65 9.97
CA THR B 113 20.23 -18.70 10.33
C THR B 113 21.05 -17.74 9.48
N VAL B 114 22.19 -17.33 10.01
CA VAL B 114 23.14 -16.50 9.29
C VAL B 114 23.65 -17.25 8.07
N ALA B 115 23.59 -16.60 6.91
CA ALA B 115 24.05 -17.17 5.65
C ALA B 115 24.96 -16.17 4.95
N ALA B 116 26.19 -16.58 4.69
CA ALA B 116 27.12 -15.71 3.99
C ALA B 116 26.72 -15.59 2.51
N PRO B 117 27.02 -14.46 1.88
CA PRO B 117 26.67 -14.29 0.47
C PRO B 117 27.65 -14.99 -0.46
N SER B 118 27.15 -15.27 -1.66
CA SER B 118 27.97 -15.73 -2.79
C SER B 118 28.21 -14.53 -3.68
N VAL B 119 29.46 -14.10 -3.78
CA VAL B 119 29.79 -12.88 -4.49
C VAL B 119 30.20 -13.27 -5.91
N PHE B 120 29.69 -12.53 -6.89
CA PHE B 120 30.06 -12.73 -8.28
C PHE B 120 30.33 -11.36 -8.88
N ILE B 121 31.40 -11.23 -9.64
CA ILE B 121 31.70 -9.99 -10.35
C ILE B 121 31.40 -10.21 -11.81
N PHE B 122 30.87 -9.18 -12.46
CA PHE B 122 30.57 -9.21 -13.89
C PHE B 122 31.21 -7.99 -14.54
N PRO B 123 32.17 -8.17 -15.44
CA PRO B 123 32.71 -7.03 -16.19
C PRO B 123 31.68 -6.51 -17.18
N PRO B 124 31.90 -5.33 -17.72
CA PRO B 124 30.99 -4.81 -18.74
C PRO B 124 31.12 -5.59 -20.04
N SER B 125 30.03 -5.60 -20.81
CA SER B 125 29.97 -6.35 -22.05
C SER B 125 30.52 -5.52 -23.19
N ASP B 126 31.14 -6.20 -24.17
CA ASP B 126 31.66 -5.50 -25.34
C ASP B 126 30.55 -4.78 -26.11
N GLU B 127 29.30 -5.24 -25.99
CA GLU B 127 28.20 -4.47 -26.56
C GLU B 127 28.07 -3.12 -25.88
N GLN B 128 28.05 -3.10 -24.54
CA GLN B 128 27.92 -1.83 -23.83
C GLN B 128 29.14 -0.96 -24.03
N LEU B 129 30.32 -1.57 -24.20
CA LEU B 129 31.55 -0.79 -24.33
C LEU B 129 31.54 0.10 -25.56
N LYS B 130 30.92 -0.37 -26.65
CA LYS B 130 30.80 0.46 -27.84
C LYS B 130 30.07 1.77 -27.54
N SER B 131 29.09 1.73 -26.64
CA SER B 131 28.28 2.90 -26.29
C SER B 131 29.03 3.90 -25.38
N GLY B 132 30.32 3.70 -25.14
CA GLY B 132 31.09 4.63 -24.32
C GLY B 132 30.71 4.63 -22.86
N THR B 133 30.26 3.50 -22.31
CA THR B 133 29.91 3.37 -20.90
C THR B 133 30.12 1.94 -20.45
N ALA B 134 30.73 1.77 -19.28
CA ALA B 134 31.02 0.46 -18.73
C ALA B 134 30.28 0.32 -17.39
N SER B 135 29.42 -0.67 -17.31
CA SER B 135 28.70 -0.98 -16.07
C SER B 135 29.29 -2.26 -15.50
N VAL B 136 29.86 -2.17 -14.30
CA VAL B 136 30.44 -3.31 -13.61
C VAL B 136 29.46 -3.69 -12.51
N VAL B 137 29.06 -4.97 -12.49
CA VAL B 137 28.02 -5.45 -11.58
C VAL B 137 28.64 -6.44 -10.61
N CYS B 138 28.41 -6.22 -9.32
CA CYS B 138 28.81 -7.13 -8.26
C CYS B 138 27.53 -7.73 -7.69
N LEU B 139 27.46 -9.06 -7.64
CA LEU B 139 26.27 -9.77 -7.20
C LEU B 139 26.54 -10.45 -5.87
N LEU B 140 25.69 -10.17 -4.90
CA LEU B 140 25.70 -10.83 -3.60
C LEU B 140 24.43 -11.67 -3.52
N ASN B 141 24.58 -12.98 -3.45
CA ASN B 141 23.44 -13.86 -3.61
C ASN B 141 23.18 -14.68 -2.35
N ASN B 142 21.90 -14.79 -2.00
CA ASN B 142 21.39 -15.62 -0.91
C ASN B 142 22.20 -15.44 0.38
N PHE B 143 22.00 -14.29 1.01
CA PHE B 143 22.62 -13.97 2.29
C PHE B 143 21.56 -13.50 3.29
N TYR B 144 21.83 -13.77 4.57
CA TYR B 144 21.02 -13.31 5.69
C TYR B 144 22.01 -13.09 6.83
N PRO B 145 21.85 -12.02 7.61
CA PRO B 145 20.83 -10.97 7.53
C PRO B 145 21.03 -10.00 6.36
N ARG B 146 20.13 -9.02 6.26
CA ARG B 146 20.11 -8.11 5.13
C ARG B 146 21.29 -7.15 5.13
N GLU B 147 21.83 -6.84 6.30
CA GLU B 147 22.88 -5.84 6.40
C GLU B 147 24.15 -6.35 5.75
N ALA B 148 24.56 -5.68 4.67
CA ALA B 148 25.78 -6.02 3.95
C ALA B 148 26.34 -4.74 3.38
N LYS B 149 27.66 -4.69 3.23
CA LYS B 149 28.32 -3.54 2.63
C LYS B 149 29.15 -3.99 1.44
N VAL B 150 29.05 -3.22 0.35
CA VAL B 150 29.82 -3.45 -0.87
C VAL B 150 30.74 -2.25 -1.06
N GLN B 151 32.02 -2.52 -1.33
CA GLN B 151 33.02 -1.49 -1.52
C GLN B 151 33.69 -1.72 -2.87
N TRP B 152 33.49 -0.79 -3.81
CA TRP B 152 34.12 -0.89 -5.13
C TRP B 152 35.54 -0.35 -5.07
N LYS B 153 36.47 -1.11 -5.64
CA LYS B 153 37.88 -0.74 -5.70
C LYS B 153 38.35 -0.84 -7.15
N VAL B 154 38.99 0.21 -7.63
CA VAL B 154 39.53 0.24 -8.99
C VAL B 154 41.02 0.52 -8.88
N ASP B 155 41.84 -0.49 -9.17
CA ASP B 155 43.28 -0.43 -8.88
C ASP B 155 43.53 0.00 -7.44
N ASN B 156 42.78 -0.62 -6.53
CA ASN B 156 42.89 -0.40 -5.09
C ASN B 156 42.56 1.04 -4.69
N ALA B 157 41.81 1.74 -5.53
CA ALA B 157 41.31 3.07 -5.20
C ALA B 157 39.83 2.94 -4.85
N LEU B 158 39.47 3.28 -3.61
CA LEU B 158 38.08 3.18 -3.17
C LEU B 158 37.18 4.10 -3.99
N GLN B 159 36.14 3.52 -4.56
CA GLN B 159 35.18 4.26 -5.36
C GLN B 159 34.11 4.88 -4.47
N SER B 160 33.65 6.06 -4.86
CA SER B 160 32.66 6.79 -4.07
C SER B 160 31.78 7.63 -4.99
N GLY B 161 30.47 7.42 -4.91
CA GLY B 161 29.52 8.25 -5.63
C GLY B 161 29.20 7.80 -7.04
N ASN B 162 29.78 6.70 -7.51
CA ASN B 162 29.59 6.23 -8.87
C ASN B 162 29.02 4.83 -8.91
N SER B 163 28.22 4.46 -7.91
CA SER B 163 27.63 3.14 -7.85
C SER B 163 26.27 3.21 -7.18
N GLN B 164 25.37 2.34 -7.63
CA GLN B 164 24.04 2.21 -7.08
C GLN B 164 23.80 0.75 -6.76
N GLU B 165 22.85 0.47 -5.86
CA GLU B 165 22.54 -0.90 -5.53
C GLU B 165 21.10 -1.02 -5.08
N SER B 166 20.57 -2.24 -5.17
CA SER B 166 19.23 -2.56 -4.70
C SER B 166 19.23 -3.98 -4.14
N VAL B 167 18.23 -4.28 -3.33
CA VAL B 167 18.13 -5.56 -2.65
C VAL B 167 16.77 -6.17 -3.00
N THR B 168 16.77 -7.48 -3.25
CA THR B 168 15.53 -8.20 -3.45
C THR B 168 14.79 -8.38 -2.12
N GLU B 169 13.49 -8.66 -2.22
CA GLU B 169 12.70 -9.01 -1.04
C GLU B 169 13.12 -10.40 -0.54
N GLN B 170 12.74 -10.71 0.68
CA GLN B 170 13.15 -11.97 1.29
C GLN B 170 12.60 -13.15 0.49
N ASP B 171 13.49 -14.04 0.06
CA ASP B 171 13.08 -15.14 -0.79
C ASP B 171 12.12 -16.07 -0.05
N SER B 172 11.11 -16.56 -0.77
CA SER B 172 10.10 -17.41 -0.15
C SER B 172 10.69 -18.75 0.28
N LYS B 173 11.67 -19.25 -0.47
CA LYS B 173 12.16 -20.61 -0.21
C LYS B 173 13.19 -20.63 0.92
N ASP B 174 14.20 -19.77 0.87
CA ASP B 174 15.29 -19.84 1.83
C ASP B 174 15.39 -18.64 2.77
N SER B 175 14.50 -17.65 2.63
CA SER B 175 14.46 -16.48 3.51
C SER B 175 15.73 -15.64 3.45
N THR B 176 16.51 -15.75 2.38
CA THR B 176 17.73 -14.97 2.24
C THR B 176 17.46 -13.69 1.43
N TYR B 177 18.47 -12.84 1.37
CA TYR B 177 18.44 -11.63 0.56
C TYR B 177 19.49 -11.71 -0.54
N SER B 178 19.33 -10.85 -1.54
CA SER B 178 20.27 -10.76 -2.64
C SER B 178 20.47 -9.29 -2.99
N LEU B 179 21.71 -8.94 -3.31
CA LEU B 179 22.09 -7.55 -3.52
C LEU B 179 22.83 -7.43 -4.85
N SER B 180 22.44 -6.44 -5.65
CA SER B 180 23.10 -6.14 -6.90
C SER B 180 23.61 -4.72 -6.83
N SER B 181 24.93 -4.55 -6.96
CA SER B 181 25.54 -3.23 -7.00
C SER B 181 26.16 -3.02 -8.38
N THR B 182 25.90 -1.87 -8.98
CA THR B 182 26.41 -1.54 -10.30
C THR B 182 27.37 -0.37 -10.20
N LEU B 183 28.59 -0.58 -10.65
CA LEU B 183 29.59 0.48 -10.78
C LEU B 183 29.58 0.98 -12.22
N THR B 184 29.23 2.25 -12.40
CA THR B 184 29.07 2.84 -13.72
C THR B 184 30.22 3.78 -14.01
N LEU B 185 30.93 3.52 -15.12
CA LEU B 185 32.06 4.33 -15.54
C LEU B 185 31.98 4.53 -17.04
N SER B 186 32.68 5.56 -17.52
CA SER B 186 32.80 5.76 -18.96
C SER B 186 33.87 4.83 -19.51
N LYS B 187 33.77 4.54 -20.81
CA LYS B 187 34.74 3.64 -21.43
C LYS B 187 36.15 4.19 -21.32
N ALA B 188 36.31 5.51 -21.44
CA ALA B 188 37.63 6.12 -21.28
C ALA B 188 38.19 5.87 -19.89
N ASP B 189 37.37 6.09 -18.86
CA ASP B 189 37.83 5.86 -17.49
C ASP B 189 37.95 4.37 -17.19
N TYR B 190 37.07 3.54 -17.76
CA TYR B 190 37.16 2.10 -17.53
C TYR B 190 38.46 1.54 -18.08
N GLU B 191 39.02 2.16 -19.13
CA GLU B 191 40.23 1.66 -19.76
C GLU B 191 41.50 2.27 -19.17
N LYS B 192 41.37 3.22 -18.25
CA LYS B 192 42.51 3.79 -17.53
C LYS B 192 43.06 2.86 -16.44
N HIS B 193 42.38 1.76 -16.13
CA HIS B 193 42.75 0.92 -15.01
C HIS B 193 42.57 -0.55 -15.37
N LYS B 194 43.09 -1.42 -14.49
CA LYS B 194 43.16 -2.86 -14.73
C LYS B 194 42.34 -3.66 -13.73
N VAL B 195 42.67 -3.58 -12.45
CA VAL B 195 41.99 -4.37 -11.41
C VAL B 195 40.67 -3.71 -11.05
N TYR B 196 39.59 -4.47 -11.22
CA TYR B 196 38.26 -4.08 -10.77
C TYR B 196 37.79 -5.10 -9.74
N ALA B 197 37.45 -4.62 -8.54
CA ALA B 197 37.13 -5.50 -7.44
C ALA B 197 36.01 -4.90 -6.61
N CYS B 198 35.12 -5.75 -6.10
CA CYS B 198 34.15 -5.36 -5.09
C CYS B 198 34.44 -6.12 -3.82
N GLU B 199 34.58 -5.38 -2.72
CA GLU B 199 34.87 -5.93 -1.41
C GLU B 199 33.55 -6.03 -0.63
N VAL B 200 33.17 -7.25 -0.28
CA VAL B 200 31.90 -7.51 0.37
C VAL B 200 32.16 -7.82 1.84
N THR B 201 31.49 -7.09 2.73
CA THR B 201 31.54 -7.31 4.16
C THR B 201 30.15 -7.74 4.64
N HIS B 202 30.11 -8.86 5.36
CA HIS B 202 28.84 -9.41 5.83
C HIS B 202 29.08 -10.21 7.10
N GLN B 203 28.03 -10.31 7.92
CA GLN B 203 28.13 -11.02 9.20
C GLN B 203 28.54 -12.48 9.02
N GLY B 204 28.15 -13.11 7.93
CA GLY B 204 28.49 -14.51 7.71
C GLY B 204 29.88 -14.76 7.18
N LEU B 205 30.70 -13.74 6.99
CA LEU B 205 32.07 -13.87 6.53
C LEU B 205 33.03 -13.61 7.68
N SER B 206 34.03 -14.48 7.83
CA SER B 206 35.07 -14.24 8.83
C SER B 206 35.72 -12.88 8.61
N SER B 207 36.15 -12.62 7.38
CA SER B 207 36.68 -11.34 6.95
C SER B 207 36.13 -11.02 5.59
N PRO B 208 36.12 -9.76 5.16
CA PRO B 208 35.53 -9.39 3.88
C PRO B 208 36.10 -10.22 2.72
N VAL B 209 35.26 -10.45 1.72
CA VAL B 209 35.59 -11.22 0.54
C VAL B 209 35.66 -10.27 -0.65
N THR B 210 36.68 -10.48 -1.49
CA THR B 210 36.94 -9.64 -2.64
C THR B 210 37.01 -10.49 -3.89
N LYS B 211 36.17 -10.12 -4.85
CA LYS B 211 35.90 -10.75 -6.13
C LYS B 211 36.42 -9.76 -7.16
N SER B 212 37.37 -10.16 -8.02
CA SER B 212 38.03 -9.18 -8.89
C SER B 212 38.27 -9.75 -10.28
N PHE B 213 38.71 -8.89 -11.20
CA PHE B 213 39.15 -9.35 -12.51
C PHE B 213 40.12 -8.32 -13.06
N ASN B 214 40.95 -8.75 -14.01
CA ASN B 214 41.79 -7.86 -14.78
C ASN B 214 41.13 -7.60 -16.12
N ARG B 215 41.22 -6.36 -16.59
CA ARG B 215 40.49 -5.93 -17.78
C ARG B 215 40.82 -6.77 -19.01
N GLY B 216 41.97 -7.44 -19.03
CA GLY B 216 42.31 -8.33 -20.14
C GLY B 216 41.35 -9.50 -20.30
N GLU C 1 -19.31 -7.45 -7.71
CA GLU C 1 -18.77 -7.17 -6.39
C GLU C 1 -18.18 -5.77 -6.32
N GLN C 2 -18.06 -5.24 -5.10
CA GLN C 2 -17.41 -3.95 -4.89
C GLN C 2 -16.01 -3.92 -5.49
N GLN C 3 -15.68 -2.80 -6.14
CA GLN C 3 -14.39 -2.67 -6.78
C GLN C 3 -14.10 -1.19 -7.02
N LEU C 4 -12.82 -0.82 -6.89
CA LEU C 4 -12.32 0.49 -7.26
C LEU C 4 -11.19 0.30 -8.25
N VAL C 5 -11.24 1.01 -9.36
CA VAL C 5 -10.25 0.90 -10.42
C VAL C 5 -9.68 2.28 -10.68
N GLU C 6 -8.40 2.46 -10.39
CA GLU C 6 -7.71 3.70 -10.71
C GLU C 6 -7.30 3.70 -12.17
N SER C 7 -7.22 4.90 -12.73
CA SER C 7 -6.75 5.05 -14.10
C SER C 7 -6.32 6.49 -14.31
N GLY C 8 -5.56 6.71 -15.38
CA GLY C 8 -5.08 8.01 -15.72
C GLY C 8 -3.64 8.30 -15.33
N GLY C 9 -2.89 7.27 -14.89
CA GLY C 9 -1.51 7.46 -14.53
C GLY C 9 -0.57 7.25 -15.69
N GLY C 10 0.68 7.60 -15.47
CA GLY C 10 1.70 7.54 -16.49
C GLY C 10 2.72 8.62 -16.26
N VAL C 11 3.37 9.04 -17.33
CA VAL C 11 4.38 10.07 -17.25
C VAL C 11 3.71 11.44 -17.21
N VAL C 12 4.24 12.33 -16.37
CA VAL C 12 3.84 13.72 -16.33
C VAL C 12 5.11 14.54 -16.10
N GLN C 13 5.13 15.76 -16.64
CA GLN C 13 6.39 16.48 -16.55
C GLN C 13 6.37 17.41 -15.34
N PRO C 14 7.54 17.68 -14.75
CA PRO C 14 7.58 18.58 -13.58
C PRO C 14 6.96 19.92 -13.88
N GLY C 15 6.11 20.39 -12.97
CA GLY C 15 5.39 21.63 -13.13
C GLY C 15 4.03 21.49 -13.80
N ARG C 16 3.80 20.39 -14.51
CA ARG C 16 2.53 20.10 -15.17
C ARG C 16 1.54 19.49 -14.18
N SER C 17 0.31 19.33 -14.64
CA SER C 17 -0.77 18.77 -13.83
C SER C 17 -1.23 17.43 -14.41
N LEU C 18 -1.99 16.69 -13.62
CA LEU C 18 -2.51 15.39 -14.03
C LEU C 18 -3.76 15.07 -13.22
N ARG C 19 -4.75 14.51 -13.89
CA ARG C 19 -6.00 14.11 -13.25
C ARG C 19 -6.11 12.60 -13.24
N LEU C 20 -6.39 12.05 -12.06
CA LEU C 20 -6.59 10.63 -11.91
C LEU C 20 -8.08 10.36 -11.72
N SER C 21 -8.52 9.19 -12.15
CA SER C 21 -9.91 8.79 -12.00
C SER C 21 -9.97 7.48 -11.22
N CYS C 22 -11.05 7.31 -10.48
CA CYS C 22 -11.29 6.11 -9.69
C CYS C 22 -12.70 5.63 -10.04
N ALA C 23 -12.80 4.62 -10.88
CA ALA C 23 -14.08 4.08 -11.33
C ALA C 23 -14.57 3.08 -10.30
N ALA C 24 -15.64 3.44 -9.60
CA ALA C 24 -16.27 2.55 -8.63
C ALA C 24 -17.33 1.71 -9.33
N SER C 25 -17.48 0.46 -8.87
CA SER C 25 -18.49 -0.42 -9.42
C SER C 25 -18.97 -1.36 -8.32
N GLY C 26 -20.15 -1.92 -8.53
CA GLY C 26 -20.75 -2.85 -7.57
C GLY C 26 -21.47 -2.22 -6.40
N PHE C 27 -21.43 -0.89 -6.27
CA PHE C 27 -22.12 -0.22 -5.19
C PHE C 27 -22.47 1.19 -5.65
N SER C 28 -23.37 1.83 -4.90
CA SER C 28 -23.82 3.18 -5.23
C SER C 28 -23.22 4.18 -4.27
N PHE C 29 -23.12 5.44 -4.72
CA PHE C 29 -22.61 6.51 -3.87
C PHE C 29 -23.69 6.92 -2.88
N SER C 30 -23.87 6.08 -1.87
CA SER C 30 -24.92 6.26 -0.88
C SER C 30 -24.50 7.29 0.16
N SER C 31 -25.39 7.52 1.13
CA SER C 31 -25.15 8.46 2.19
C SER C 31 -24.11 7.99 3.21
N THR C 32 -23.55 6.79 3.06
CA THR C 32 -22.70 6.19 4.09
C THR C 32 -21.25 5.98 3.65
N TYR C 33 -20.81 6.62 2.57
CA TYR C 33 -19.54 6.26 1.97
C TYR C 33 -18.69 7.49 1.69
N TRP C 34 -17.36 7.30 1.80
CA TRP C 34 -16.36 8.29 1.43
C TRP C 34 -15.32 7.62 0.54
N ILE C 35 -14.92 8.30 -0.52
CA ILE C 35 -13.89 7.83 -1.44
C ILE C 35 -12.62 8.62 -1.17
N CYS C 36 -11.53 7.92 -0.92
CA CYS C 36 -10.29 8.55 -0.48
C CYS C 36 -9.16 8.20 -1.43
N TRP C 37 -8.05 8.93 -1.29
CA TRP C 37 -6.88 8.76 -2.13
C TRP C 37 -5.66 8.61 -1.24
N VAL C 38 -4.92 7.52 -1.43
CA VAL C 38 -3.69 7.24 -0.71
C VAL C 38 -2.61 6.93 -1.74
N ARG C 39 -1.42 7.47 -1.53
CA ARG C 39 -0.32 7.24 -2.44
C ARG C 39 0.85 6.60 -1.69
N GLN C 40 1.80 6.07 -2.48
CA GLN C 40 2.95 5.36 -1.92
C GLN C 40 4.10 5.49 -2.90
N ALA C 41 5.12 6.26 -2.53
CA ALA C 41 6.29 6.41 -3.38
C ALA C 41 7.07 5.09 -3.40
N PRO C 42 7.81 4.82 -4.49
CA PRO C 42 8.55 3.55 -4.57
C PRO C 42 9.45 3.30 -3.38
N GLY C 43 9.18 2.22 -2.64
CA GLY C 43 9.97 1.88 -1.47
C GLY C 43 9.56 2.59 -0.19
N LYS C 44 8.81 3.68 -0.28
CA LYS C 44 8.40 4.45 0.89
C LYS C 44 7.07 3.91 1.41
N GLY C 45 6.46 4.63 2.35
CA GLY C 45 5.26 4.19 3.02
C GLY C 45 4.01 4.80 2.43
N LEU C 46 2.90 4.54 3.11
CA LEU C 46 1.60 5.05 2.66
C LEU C 46 1.42 6.51 3.09
N GLU C 47 0.79 7.29 2.22
CA GLU C 47 0.55 8.70 2.48
C GLU C 47 -0.88 9.04 2.08
N TRP C 48 -1.68 9.48 3.07
CA TRP C 48 -3.06 9.85 2.84
C TRP C 48 -3.13 11.22 2.16
N ILE C 49 -3.99 11.34 1.13
CA ILE C 49 -4.04 12.57 0.35
C ILE C 49 -5.31 13.34 0.64
N ALA C 50 -6.45 12.77 0.23
CA ALA C 50 -7.72 13.45 0.40
C ALA C 50 -8.84 12.43 0.33
N CYS C 51 -10.02 12.86 0.77
CA CYS C 51 -11.26 12.11 0.63
C CYS C 51 -12.36 13.03 0.16
N ILE C 52 -13.37 12.45 -0.46
CA ILE C 52 -14.59 13.14 -0.84
C ILE C 52 -15.76 12.30 -0.37
N TYR C 53 -16.82 12.98 0.08
CA TYR C 53 -18.02 12.31 0.56
C TYR C 53 -18.95 12.01 -0.62
N ALA C 54 -19.17 10.73 -0.87
CA ALA C 54 -20.22 10.32 -1.80
C ALA C 54 -21.57 10.75 -1.25
N GLY C 55 -22.45 11.26 -2.12
CA GLY C 55 -23.69 11.77 -1.69
C GLY C 55 -23.79 13.31 -1.84
N SER C 56 -25.03 13.77 -1.75
CA SER C 56 -25.41 15.16 -2.03
C SER C 56 -24.37 16.18 -1.63
N SER C 57 -24.04 16.26 -0.34
CA SER C 57 -23.25 17.38 0.15
C SER C 57 -21.84 17.37 -0.42
N GLY C 58 -21.30 16.20 -0.74
CA GLY C 58 -19.99 16.10 -1.37
C GLY C 58 -18.88 16.80 -0.62
N ASN C 59 -18.80 16.59 0.69
CA ASN C 59 -17.80 17.26 1.49
C ASN C 59 -16.41 16.75 1.15
N THR C 60 -15.44 17.66 1.16
CA THR C 60 -14.07 17.34 0.82
C THR C 60 -13.19 17.44 2.07
N TYR C 61 -12.23 16.53 2.17
CA TYR C 61 -11.28 16.48 3.28
C TYR C 61 -9.89 16.33 2.71
N TYR C 62 -9.02 17.28 3.01
CA TYR C 62 -7.67 17.29 2.44
C TYR C 62 -6.62 17.14 3.53
N ALA C 63 -5.52 16.48 3.20
CA ALA C 63 -4.36 16.49 4.08
C ALA C 63 -3.64 17.84 3.98
N ASN C 64 -3.04 18.26 5.10
CA ASN C 64 -2.48 19.60 5.17
C ASN C 64 -1.42 19.81 4.10
N TRP C 65 -0.53 18.83 3.90
CA TRP C 65 0.52 18.99 2.90
C TRP C 65 -0.06 19.07 1.49
N ALA C 66 -1.24 18.49 1.27
CA ALA C 66 -1.87 18.45 -0.05
C ALA C 66 -2.82 19.60 -0.32
N LYS C 67 -3.25 20.33 0.71
CA LYS C 67 -4.13 21.46 0.52
C LYS C 67 -3.49 22.49 -0.41
N GLY C 68 -4.27 22.94 -1.39
CA GLY C 68 -3.82 23.92 -2.33
C GLY C 68 -3.17 23.34 -3.57
N ARG C 69 -2.61 22.14 -3.48
CA ARG C 69 -1.97 21.51 -4.63
C ARG C 69 -2.76 20.36 -5.21
N PHE C 70 -3.68 19.77 -4.46
CA PHE C 70 -4.52 18.68 -4.95
C PHE C 70 -5.99 19.10 -4.90
N THR C 71 -6.78 18.54 -5.82
CA THR C 71 -8.22 18.81 -5.86
C THR C 71 -8.94 17.49 -6.10
N ILE C 72 -9.86 17.15 -5.21
CA ILE C 72 -10.66 15.94 -5.32
C ILE C 72 -12.09 16.32 -5.72
N SER C 73 -12.69 15.50 -6.56
CA SER C 73 -14.04 15.75 -7.04
C SER C 73 -14.62 14.44 -7.54
N LYS C 74 -15.91 14.46 -7.83
CA LYS C 74 -16.59 13.27 -8.31
C LYS C 74 -17.44 13.64 -9.52
N ASP C 75 -17.67 12.63 -10.37
CA ASP C 75 -18.50 12.81 -11.57
C ASP C 75 -19.97 12.74 -11.17
N SER C 76 -20.76 13.67 -11.73
CA SER C 76 -22.17 13.74 -11.34
C SER C 76 -23.02 12.75 -12.09
N SER C 77 -22.61 12.35 -13.30
CA SER C 77 -23.39 11.47 -14.15
C SER C 77 -23.07 9.99 -13.94
N SER C 78 -22.03 9.67 -13.17
CA SER C 78 -21.59 8.29 -12.97
C SER C 78 -21.09 8.13 -11.54
N THR C 79 -20.29 7.09 -11.31
CA THR C 79 -19.78 6.74 -9.97
C THR C 79 -18.26 6.75 -10.02
N THR C 80 -17.71 7.95 -10.16
CA THR C 80 -16.29 8.15 -10.41
C THR C 80 -15.80 9.31 -9.55
N VAL C 81 -14.57 9.19 -9.05
CA VAL C 81 -13.94 10.21 -8.23
C VAL C 81 -12.63 10.60 -8.88
N PHE C 82 -12.38 11.90 -8.95
CA PHE C 82 -11.18 12.44 -9.61
C PHE C 82 -10.24 13.05 -8.59
N LEU C 83 -8.95 13.07 -8.94
CA LEU C 83 -7.93 13.69 -8.11
C LEU C 83 -7.08 14.55 -9.03
N GLN C 84 -7.30 15.86 -9.01
CA GLN C 84 -6.50 16.76 -9.81
C GLN C 84 -5.21 17.08 -9.06
N MET C 85 -4.07 16.79 -9.66
CA MET C 85 -2.77 16.93 -9.01
C MET C 85 -2.02 18.04 -9.73
N ASN C 86 -1.96 19.23 -9.11
CA ASN C 86 -1.38 20.40 -9.74
C ASN C 86 0.06 20.60 -9.33
N SER C 87 0.83 21.23 -10.22
CA SER C 87 2.23 21.60 -9.97
C SER C 87 3.04 20.41 -9.48
N LEU C 88 3.05 19.36 -10.30
CA LEU C 88 3.68 18.10 -9.89
C LEU C 88 5.19 18.23 -9.88
N ARG C 89 5.83 17.46 -9.00
CA ARG C 89 7.27 17.50 -8.78
C ARG C 89 7.76 16.09 -8.54
N ALA C 90 9.07 15.91 -8.67
CA ALA C 90 9.66 14.57 -8.63
C ALA C 90 9.21 13.80 -7.39
N GLU C 91 9.08 14.48 -6.25
CA GLU C 91 8.65 13.81 -5.02
C GLU C 91 7.28 13.17 -5.15
N ASP C 92 6.51 13.54 -6.17
CA ASP C 92 5.15 13.04 -6.35
C ASP C 92 5.10 11.74 -7.14
N THR C 93 6.23 11.28 -7.67
CA THR C 93 6.30 9.99 -8.34
C THR C 93 5.90 8.87 -7.38
N ALA C 94 4.70 8.34 -7.56
CA ALA C 94 4.19 7.34 -6.62
C ALA C 94 3.06 6.56 -7.29
N VAL C 95 2.70 5.46 -6.64
CA VAL C 95 1.51 4.70 -6.98
C VAL C 95 0.34 5.30 -6.21
N TYR C 96 -0.75 5.59 -6.91
CA TYR C 96 -1.91 6.26 -6.30
C TYR C 96 -3.06 5.26 -6.20
N PHE C 97 -3.40 4.88 -4.97
CA PHE C 97 -4.58 4.08 -4.70
C PHE C 97 -5.76 4.99 -4.41
N CYS C 98 -6.96 4.52 -4.73
CA CYS C 98 -8.17 5.11 -4.20
C CYS C 98 -8.83 4.07 -3.31
N ALA C 99 -9.25 4.50 -2.13
CA ALA C 99 -9.85 3.60 -1.17
C ALA C 99 -11.23 4.13 -0.79
N ARG C 100 -11.95 3.32 -0.03
CA ARG C 100 -13.31 3.64 0.36
C ARG C 100 -13.50 3.40 1.84
N ALA C 101 -14.17 4.35 2.50
CA ALA C 101 -14.50 4.25 3.90
C ALA C 101 -15.99 4.44 4.08
N GLY C 102 -16.54 3.77 5.09
CA GLY C 102 -17.94 3.88 5.44
C GLY C 102 -18.70 2.60 5.14
N GLY C 103 -19.98 2.65 5.46
CA GLY C 103 -20.88 1.55 5.24
C GLY C 103 -21.96 1.53 6.30
N ALA C 104 -22.52 0.35 6.50
CA ALA C 104 -23.59 0.20 7.48
C ALA C 104 -23.43 -1.13 8.18
N GLY C 105 -23.54 -1.12 9.51
CA GLY C 105 -23.47 -2.32 10.31
C GLY C 105 -22.15 -2.55 11.01
N GLY C 106 -21.16 -1.69 10.80
CA GLY C 106 -19.86 -1.86 11.42
C GLY C 106 -19.66 -0.99 12.65
N GLY C 107 -20.75 -0.47 13.20
CA GLY C 107 -20.68 0.32 14.42
C GLY C 107 -20.22 1.73 14.20
N VAL C 108 -18.90 1.93 14.14
CA VAL C 108 -18.30 3.25 14.00
C VAL C 108 -17.49 3.27 12.71
N TYR C 109 -17.56 4.38 11.98
CA TYR C 109 -16.77 4.58 10.77
C TYR C 109 -16.10 5.94 10.84
N THR C 110 -14.82 5.99 10.47
CA THR C 110 -14.09 7.23 10.28
C THR C 110 -13.30 7.11 8.99
N LEU C 111 -12.65 8.21 8.61
CA LEU C 111 -11.82 8.18 7.41
C LEU C 111 -10.55 7.35 7.57
N THR C 112 -10.26 6.85 8.78
CA THR C 112 -9.13 5.93 8.98
C THR C 112 -9.52 4.47 8.76
N ARG C 113 -10.75 4.19 8.34
CA ARG C 113 -11.24 2.82 8.15
C ARG C 113 -11.42 2.57 6.65
N LEU C 114 -10.31 2.35 5.95
CA LEU C 114 -10.32 2.12 4.51
C LEU C 114 -10.34 0.61 4.27
N ASP C 115 -11.52 0.06 3.97
CA ASP C 115 -11.68 -1.38 3.84
C ASP C 115 -11.87 -1.86 2.40
N LEU C 116 -11.92 -0.96 1.44
CA LEU C 116 -11.99 -1.32 0.03
C LEU C 116 -10.92 -0.54 -0.71
N TRP C 117 -10.07 -1.25 -1.44
CA TRP C 117 -8.90 -0.66 -2.06
C TRP C 117 -8.83 -1.08 -3.52
N GLY C 118 -8.42 -0.15 -4.38
CA GLY C 118 -8.07 -0.47 -5.74
C GLY C 118 -6.63 -0.93 -5.83
N GLN C 119 -6.23 -1.32 -7.05
CA GLN C 119 -4.89 -1.83 -7.28
C GLN C 119 -3.86 -0.71 -7.45
N GLY C 120 -4.29 0.54 -7.51
CA GLY C 120 -3.39 1.67 -7.63
C GLY C 120 -2.83 1.89 -9.03
N THR C 121 -2.51 3.13 -9.36
CA THR C 121 -1.94 3.47 -10.66
C THR C 121 -0.64 4.24 -10.44
N LEU C 122 0.34 3.99 -11.29
CA LEU C 122 1.67 4.58 -11.15
C LEU C 122 1.74 5.90 -11.92
N VAL C 123 2.19 6.94 -11.22
CA VAL C 123 2.42 8.27 -11.80
C VAL C 123 3.90 8.57 -11.66
N THR C 124 4.56 8.88 -12.79
CA THR C 124 5.98 9.20 -12.82
C THR C 124 6.13 10.66 -13.23
N VAL C 125 6.56 11.51 -12.29
CA VAL C 125 6.77 12.92 -12.55
C VAL C 125 8.23 13.07 -12.97
N SER C 126 8.46 13.25 -14.26
CA SER C 126 9.81 13.37 -14.81
C SER C 126 9.72 13.94 -16.21
N SER C 127 10.79 14.64 -16.60
CA SER C 127 10.91 15.21 -17.93
C SER C 127 11.69 14.32 -18.89
N ALA C 128 11.84 13.03 -18.57
CA ALA C 128 12.54 12.09 -19.42
C ALA C 128 11.60 11.55 -20.50
N SER C 129 12.19 11.12 -21.60
CA SER C 129 11.44 10.58 -22.73
C SER C 129 11.29 9.08 -22.59
N THR C 130 10.11 8.57 -22.98
CA THR C 130 9.82 7.16 -22.88
C THR C 130 10.75 6.36 -23.78
N LYS C 131 11.60 5.52 -23.18
CA LYS C 131 12.64 4.80 -23.90
C LYS C 131 12.70 3.34 -23.48
N GLY C 132 12.91 2.47 -24.45
CA GLY C 132 13.09 1.06 -24.19
C GLY C 132 14.49 0.78 -23.66
N PRO C 133 14.64 -0.29 -22.90
CA PRO C 133 15.92 -0.58 -22.26
C PRO C 133 16.93 -1.13 -23.26
N SER C 134 18.18 -1.18 -22.80
CA SER C 134 19.28 -1.82 -23.51
C SER C 134 19.68 -3.04 -22.68
N VAL C 135 19.41 -4.23 -23.21
CA VAL C 135 19.65 -5.45 -22.46
C VAL C 135 21.10 -5.87 -22.67
N PHE C 136 21.83 -6.05 -21.57
CA PHE C 136 23.23 -6.41 -21.63
C PHE C 136 23.50 -7.71 -20.89
N PRO C 137 24.37 -8.56 -21.41
CA PRO C 137 24.63 -9.84 -20.76
C PRO C 137 25.55 -9.70 -19.56
N LEU C 138 25.22 -10.46 -18.52
CA LEU C 138 26.09 -10.66 -17.37
C LEU C 138 26.57 -12.11 -17.46
N ALA C 139 27.55 -12.33 -18.33
CA ALA C 139 27.99 -13.67 -18.64
C ALA C 139 28.71 -14.30 -17.44
N PRO C 140 28.59 -15.63 -17.27
CA PRO C 140 29.28 -16.33 -16.18
C PRO C 140 30.80 -16.31 -16.33
N THR C 149 28.03 -24.58 -9.41
CA THR C 149 27.07 -23.47 -9.29
C THR C 149 27.64 -22.16 -9.86
N ALA C 150 27.00 -21.66 -10.91
CA ALA C 150 27.45 -20.47 -11.61
C ALA C 150 26.33 -19.43 -11.63
N ALA C 151 26.72 -18.17 -11.81
CA ALA C 151 25.79 -17.06 -11.81
C ALA C 151 25.87 -16.33 -13.15
N LEU C 152 24.71 -16.04 -13.72
CA LEU C 152 24.63 -15.31 -14.98
C LEU C 152 23.35 -14.49 -14.95
N GLY C 153 23.29 -13.47 -15.79
CA GLY C 153 22.13 -12.62 -15.77
C GLY C 153 22.11 -11.64 -16.92
N CYS C 154 21.14 -10.73 -16.85
CA CYS C 154 20.96 -9.68 -17.84
C CYS C 154 20.95 -8.33 -17.15
N LEU C 155 21.55 -7.34 -17.81
CA LEU C 155 21.53 -5.96 -17.36
C LEU C 155 20.54 -5.18 -18.22
N VAL C 156 19.47 -4.70 -17.60
CA VAL C 156 18.39 -3.96 -18.27
C VAL C 156 18.63 -2.49 -17.98
N LYS C 157 19.25 -1.77 -18.92
CA LYS C 157 19.77 -0.44 -18.65
C LYS C 157 19.08 0.64 -19.49
N ASP C 158 18.88 1.80 -18.87
CA ASP C 158 18.47 3.04 -19.54
C ASP C 158 17.09 2.90 -20.19
N TYR C 159 16.08 2.69 -19.34
CA TYR C 159 14.70 2.67 -19.79
C TYR C 159 13.89 3.68 -18.99
N PHE C 160 12.85 4.22 -19.62
CA PHE C 160 11.92 5.13 -18.97
C PHE C 160 10.55 4.91 -19.59
N PRO C 161 9.50 4.82 -18.77
CA PRO C 161 9.51 4.78 -17.32
C PRO C 161 9.40 3.35 -16.80
N GLU C 162 9.12 3.22 -15.53
CA GLU C 162 8.79 1.96 -14.90
C GLU C 162 7.41 1.51 -15.40
N PRO C 163 7.12 0.20 -15.44
CA PRO C 163 7.94 -0.95 -15.04
C PRO C 163 8.55 -1.73 -16.21
N VAL C 164 9.32 -2.77 -15.88
CA VAL C 164 9.92 -3.68 -16.86
C VAL C 164 9.74 -5.12 -16.38
N THR C 165 9.32 -5.98 -17.29
CA THR C 165 9.25 -7.43 -17.07
C THR C 165 10.53 -8.12 -17.50
N VAL C 166 10.96 -9.10 -16.70
CA VAL C 166 12.07 -9.97 -17.06
C VAL C 166 11.69 -11.40 -16.71
N SER C 167 11.86 -12.31 -17.67
CA SER C 167 11.70 -13.74 -17.45
C SER C 167 12.91 -14.46 -18.03
N TRP C 168 13.01 -15.76 -17.76
CA TRP C 168 14.13 -16.57 -18.21
C TRP C 168 13.61 -17.82 -18.90
N ASN C 169 14.12 -18.07 -20.12
CA ASN C 169 13.68 -19.19 -20.94
C ASN C 169 12.16 -19.19 -21.11
N SER C 170 11.61 -17.99 -21.31
CA SER C 170 10.17 -17.80 -21.54
C SER C 170 9.34 -18.36 -20.37
N GLY C 171 9.87 -18.20 -19.16
CA GLY C 171 9.21 -18.67 -17.96
C GLY C 171 9.58 -20.07 -17.53
N ALA C 172 10.34 -20.81 -18.35
CA ALA C 172 10.67 -22.19 -18.01
C ALA C 172 11.64 -22.26 -16.85
N LEU C 173 12.52 -21.27 -16.71
CA LEU C 173 13.50 -21.21 -15.64
C LEU C 173 13.03 -20.19 -14.60
N THR C 174 12.73 -20.68 -13.40
CA THR C 174 12.28 -19.83 -12.31
C THR C 174 13.15 -19.92 -11.06
N SER C 175 13.72 -21.09 -10.78
CA SER C 175 14.44 -21.30 -9.54
C SER C 175 15.80 -20.62 -9.58
N GLY C 176 16.19 -20.03 -8.46
CA GLY C 176 17.46 -19.33 -8.43
C GLY C 176 17.49 -18.05 -9.21
N VAL C 177 16.34 -17.53 -9.65
CA VAL C 177 16.25 -16.28 -10.40
C VAL C 177 15.96 -15.16 -9.43
N HIS C 178 16.78 -14.11 -9.47
CA HIS C 178 16.58 -12.90 -8.67
C HIS C 178 16.55 -11.70 -9.60
N THR C 179 15.36 -11.13 -9.83
CA THR C 179 15.24 -9.86 -10.53
C THR C 179 15.21 -8.74 -9.51
N PHE C 180 16.15 -7.80 -9.61
CA PHE C 180 16.36 -6.80 -8.59
C PHE C 180 15.46 -5.59 -8.82
N PRO C 181 15.14 -4.84 -7.78
CA PRO C 181 14.46 -3.56 -7.98
C PRO C 181 15.32 -2.63 -8.80
N ALA C 182 14.66 -1.78 -9.59
CA ALA C 182 15.39 -0.88 -10.46
C ALA C 182 15.97 0.28 -9.68
N VAL C 183 17.00 0.90 -10.24
CA VAL C 183 17.58 2.09 -9.65
C VAL C 183 17.33 3.24 -10.62
N LEU C 184 17.26 4.45 -10.06
CA LEU C 184 17.07 5.66 -10.84
C LEU C 184 18.42 6.35 -10.97
N GLN C 185 18.95 6.42 -12.19
CA GLN C 185 20.26 7.00 -12.41
C GLN C 185 20.18 8.51 -12.45
N SER C 186 21.35 9.15 -12.50
CA SER C 186 21.40 10.62 -12.60
C SER C 186 20.82 11.11 -13.91
N SER C 187 20.80 10.25 -14.93
CA SER C 187 20.26 10.60 -16.25
C SER C 187 18.74 10.60 -16.29
N GLY C 188 18.07 10.29 -15.18
CA GLY C 188 16.63 10.15 -15.18
C GLY C 188 16.13 8.86 -15.77
N LEU C 189 17.02 7.93 -16.12
CA LEU C 189 16.66 6.64 -16.66
C LEU C 189 16.87 5.55 -15.62
N TYR C 190 16.12 4.46 -15.77
CA TYR C 190 16.16 3.35 -14.82
C TYR C 190 17.03 2.23 -15.35
N SER C 191 17.69 1.52 -14.44
CA SER C 191 18.46 0.34 -14.77
C SER C 191 18.14 -0.75 -13.76
N LEU C 192 18.00 -1.99 -14.23
CA LEU C 192 17.85 -3.10 -13.29
C LEU C 192 18.69 -4.26 -13.79
N SER C 193 18.87 -5.25 -12.92
CA SER C 193 19.62 -6.45 -13.24
C SER C 193 18.79 -7.66 -12.81
N SER C 194 18.75 -8.67 -13.67
CA SER C 194 18.17 -9.96 -13.30
C SER C 194 19.25 -11.01 -13.43
N VAL C 195 19.33 -11.91 -12.44
CA VAL C 195 20.37 -12.93 -12.41
C VAL C 195 19.73 -14.29 -12.13
N VAL C 196 20.48 -15.34 -12.42
CA VAL C 196 20.04 -16.71 -12.15
C VAL C 196 21.24 -17.57 -11.81
N THR C 197 21.08 -18.39 -10.78
CA THR C 197 22.08 -19.35 -10.34
C THR C 197 21.76 -20.72 -10.93
N VAL C 198 22.71 -21.28 -11.67
CA VAL C 198 22.51 -22.54 -12.38
C VAL C 198 23.73 -23.42 -12.18
N PRO C 199 23.57 -24.74 -12.32
CA PRO C 199 24.73 -25.64 -12.24
C PRO C 199 25.79 -25.30 -13.28
N SER C 200 27.05 -25.35 -12.84
CA SER C 200 28.16 -24.99 -13.71
C SER C 200 28.26 -25.92 -14.92
N SER C 201 27.88 -27.19 -14.76
CA SER C 201 28.06 -28.15 -15.83
C SER C 201 27.09 -27.94 -16.99
N SER C 202 26.01 -27.19 -16.78
CA SER C 202 24.97 -27.01 -17.79
C SER C 202 25.24 -25.84 -18.73
N LEU C 203 26.37 -25.15 -18.57
CA LEU C 203 26.64 -23.93 -19.33
C LEU C 203 26.79 -24.19 -20.82
N GLY C 204 27.50 -25.24 -21.19
CA GLY C 204 27.56 -25.56 -22.61
C GLY C 204 26.26 -26.17 -23.11
N THR C 205 25.63 -26.99 -22.25
CA THR C 205 24.50 -27.80 -22.70
C THR C 205 23.22 -26.99 -22.86
N GLN C 206 22.97 -26.05 -21.94
CA GLN C 206 21.68 -25.38 -21.86
C GLN C 206 21.78 -23.93 -22.34
N THR C 207 20.79 -23.52 -23.13
CA THR C 207 20.67 -22.15 -23.61
C THR C 207 19.90 -21.32 -22.60
N TYR C 208 20.44 -20.14 -22.27
CA TYR C 208 19.80 -19.21 -21.34
C TYR C 208 19.47 -17.91 -22.08
N ILE C 209 18.18 -17.60 -22.15
CA ILE C 209 17.70 -16.36 -22.75
C ILE C 209 16.86 -15.62 -21.72
N CYS C 210 17.10 -14.32 -21.59
CA CYS C 210 16.25 -13.47 -20.77
C CYS C 210 15.28 -12.70 -21.67
N ASN C 211 14.02 -12.63 -21.24
CA ASN C 211 12.95 -11.99 -21.99
C ASN C 211 12.58 -10.72 -21.26
N VAL C 212 12.96 -9.58 -21.82
CA VAL C 212 12.73 -8.28 -21.21
C VAL C 212 11.62 -7.59 -21.97
N ASN C 213 10.60 -7.14 -21.24
CA ASN C 213 9.43 -6.54 -21.83
C ASN C 213 9.15 -5.21 -21.15
N HIS C 214 9.08 -4.14 -21.95
CA HIS C 214 8.83 -2.78 -21.48
C HIS C 214 7.61 -2.25 -22.24
N LYS C 215 6.43 -2.41 -21.65
CA LYS C 215 5.20 -1.98 -22.30
C LYS C 215 5.18 -0.50 -22.67
N PRO C 216 5.60 0.45 -21.80
CA PRO C 216 5.50 1.87 -22.18
C PRO C 216 6.13 2.22 -23.52
N SER C 217 7.22 1.57 -23.90
CA SER C 217 7.81 1.75 -25.22
C SER C 217 7.47 0.60 -26.16
N ASN C 218 6.67 -0.37 -25.72
CA ASN C 218 6.35 -1.57 -26.48
C ASN C 218 7.61 -2.20 -27.06
N THR C 219 8.54 -2.52 -26.16
CA THR C 219 9.85 -3.05 -26.54
C THR C 219 10.02 -4.41 -25.87
N LYS C 220 10.16 -5.46 -26.68
CA LYS C 220 10.46 -6.79 -26.18
C LYS C 220 11.82 -7.22 -26.72
N VAL C 221 12.74 -7.53 -25.80
CA VAL C 221 14.09 -7.92 -26.15
C VAL C 221 14.35 -9.32 -25.57
N ASP C 222 14.91 -10.19 -26.40
CA ASP C 222 15.33 -11.52 -25.99
C ASP C 222 16.81 -11.64 -26.27
N LYS C 223 17.61 -11.84 -25.22
CA LYS C 223 19.06 -11.77 -25.32
C LYS C 223 19.62 -13.02 -24.66
N LYS C 224 20.23 -13.89 -25.48
CA LYS C 224 20.96 -15.06 -25.01
C LYS C 224 22.27 -14.70 -24.32
N VAL C 225 22.52 -15.34 -23.18
CA VAL C 225 23.72 -15.13 -22.39
C VAL C 225 24.64 -16.35 -22.47
N GLU C 226 25.92 -16.11 -22.71
CA GLU C 226 27.00 -16.97 -23.17
C GLU C 226 28.29 -16.60 -22.40
N PRO C 227 29.08 -17.62 -22.13
CA PRO C 227 30.45 -17.28 -21.66
C PRO C 227 31.22 -16.73 -22.83
N LYS C 228 32.05 -15.73 -22.54
CA LYS C 228 32.85 -15.08 -23.58
C LYS C 228 34.31 -15.54 -23.54
C1 GOL D . 21.06 -1.64 -11.24
O1 GOL D . 21.74 -1.78 -12.48
C2 GOL D . 21.24 -2.97 -10.42
O2 GOL D . 22.44 -3.03 -9.69
C3 GOL D . 19.99 -3.01 -9.50
O3 GOL D . 18.95 -3.50 -10.28
#